data_3LW2
#
_entry.id   3LW2
#
_cell.length_a   150.900
_cell.length_b   62.300
_cell.length_c   52.200
_cell.angle_alpha   90.00
_cell.angle_beta   105.50
_cell.angle_gamma   90.00
#
_symmetry.space_group_name_H-M   'C 1 2 1'
#
loop_
_entity.id
_entity.type
_entity.pdbx_description
1 polymer 'Plasminogen activator inhibitor 1'
2 water water
#
_entity_poly.entity_id   1
_entity_poly.type   'polypeptide(L)'
_entity_poly.pdbx_seq_one_letter_code
;LPLRESHTAHQATDFGVKVFQQVVQASKDRNVVFSPYGVSSVLAMLQMTTAGKTRRQIQDAMGFKVNEKGTAHALRQLSK
ELMGPWNKNEISTADAIFVQRDLELVQGFMPHFFKLFQTMVKQVDFSEVERARFIINDWVERHTKGMINDLLAKGAVDEL
TRLVLVNALYFSGQWKTPFLEASTHQRLFHKSDGSTVSVPMMAQSNKFNYTEFTTPDGLEYDVVELPYQGDTLSMFIAAP
FEKDVHLSALTNILDAELIRQWKGNMTRLPRLLILPKFSLETEVDLRGPLEKLGMPDMFSATLADFTSLSDQEQLSVAQA
LQKVRIEVNESGTVASSSTAFVISARMAPTEMVIDRSFLFVVRHNPTETILFMGQVMEP
;
_entity_poly.pdbx_strand_id   A
#
# COMPACT_ATOMS: atom_id res chain seq x y z
N HIS A 7 -4.25 6.01 -17.61
CA HIS A 7 -4.57 7.28 -16.89
C HIS A 7 -4.96 7.02 -15.42
N THR A 8 -6.05 6.29 -15.23
CA THR A 8 -6.55 5.96 -13.88
C THR A 8 -5.48 5.26 -13.06
N ALA A 9 -4.84 4.26 -13.66
CA ALA A 9 -3.76 3.55 -12.99
C ALA A 9 -2.69 4.53 -12.52
N HIS A 10 -2.31 5.47 -13.39
CA HIS A 10 -1.25 6.44 -13.04
C HIS A 10 -1.68 7.41 -11.92
N GLN A 11 -2.95 7.79 -11.95
CA GLN A 11 -3.48 8.67 -10.91
C GLN A 11 -3.54 7.95 -9.58
N ALA A 12 -3.88 6.68 -9.63
CA ALA A 12 -4.00 5.87 -8.42
C ALA A 12 -2.63 5.81 -7.72
N THR A 13 -1.60 5.68 -8.54
CA THR A 13 -0.21 5.65 -8.09
C THR A 13 0.24 6.98 -7.47
N ASP A 14 0.01 8.07 -8.18
CA ASP A 14 0.38 9.37 -7.66
C ASP A 14 -0.28 9.69 -6.33
N PHE A 15 -1.56 9.33 -6.20
CA PHE A 15 -2.28 9.47 -4.94
C PHE A 15 -1.65 8.61 -3.85
N GLY A 16 -1.45 7.33 -4.12
CA GLY A 16 -0.91 6.44 -3.10
C GLY A 16 0.49 6.89 -2.68
N VAL A 17 1.27 7.39 -3.63
CA VAL A 17 2.58 7.98 -3.27
C VAL A 17 2.43 9.23 -2.40
N LYS A 18 1.44 10.06 -2.68
CA LYS A 18 1.21 11.20 -1.79
C LYS A 18 0.88 10.69 -0.40
N VAL A 19 0.08 9.62 -0.32
CA VAL A 19 -0.26 9.09 1.01
C VAL A 19 0.98 8.55 1.71
N PHE A 20 1.79 7.80 0.96
CA PHE A 20 3.11 7.37 1.46
C PHE A 20 3.92 8.52 2.03
N GLN A 21 3.99 9.63 1.30
CA GLN A 21 4.73 10.76 1.78
C GLN A 21 4.18 11.30 3.10
N GLN A 22 2.87 11.30 3.26
CA GLN A 22 2.26 11.75 4.50
C GLN A 22 2.55 10.76 5.63
N VAL A 23 2.56 9.47 5.31
CA VAL A 23 2.85 8.44 6.32
C VAL A 23 4.30 8.58 6.80
N VAL A 24 5.19 8.78 5.85
CA VAL A 24 6.63 8.94 6.15
C VAL A 24 6.81 10.19 6.99
N GLN A 25 6.09 11.24 6.61
CA GLN A 25 6.24 12.49 7.34
C GLN A 25 5.83 12.32 8.80
N ALA A 26 4.72 11.66 9.04
CA ALA A 26 4.18 11.46 10.37
C ALA A 26 4.96 10.39 11.12
N SER A 27 5.77 9.61 10.40
CA SER A 27 6.43 8.47 11.01
C SER A 27 7.78 8.86 11.63
N LYS A 28 8.30 10.01 11.23
CA LYS A 28 9.49 10.58 11.84
C LYS A 28 10.68 9.60 11.95
N ASP A 29 11.13 9.11 10.81
CA ASP A 29 12.38 8.34 10.70
C ASP A 29 12.31 6.87 11.12
N ARG A 30 11.11 6.41 11.44
CA ARG A 30 10.90 4.98 11.62
C ARG A 30 10.89 4.28 10.24
N ASN A 31 11.31 3.02 10.23
CA ASN A 31 11.12 2.14 9.10
C ASN A 31 9.65 2.08 8.77
N VAL A 32 9.34 2.14 7.49
CA VAL A 32 7.96 2.17 7.02
C VAL A 32 7.88 1.31 5.76
N VAL A 33 6.91 0.41 5.71
CA VAL A 33 6.59 -0.25 4.45
C VAL A 33 5.10 0.00 4.25
N PHE A 34 4.71 0.16 3.02
CA PHE A 34 3.44 0.78 2.75
C PHE A 34 3.00 0.32 1.39
N SER A 35 1.69 0.30 1.16
CA SER A 35 1.19 -0.15 -0.11
C SER A 35 0.28 0.93 -0.73
N PRO A 36 0.81 1.68 -1.71
CA PRO A 36 0.06 2.70 -2.45
C PRO A 36 -1.16 2.12 -3.15
N TYR A 37 -0.96 1.01 -3.87
CA TYR A 37 -2.07 0.32 -4.50
C TYR A 37 -3.17 -0.07 -3.50
N GLY A 38 -2.78 -0.52 -2.32
CA GLY A 38 -3.76 -0.91 -1.32
C GLY A 38 -4.60 0.29 -0.91
N VAL A 39 -3.95 1.42 -0.67
CA VAL A 39 -4.74 2.57 -0.20
C VAL A 39 -5.65 3.08 -1.31
N SER A 40 -5.13 3.12 -2.54
CA SER A 40 -5.95 3.61 -3.61
C SER A 40 -7.15 2.69 -3.86
N SER A 41 -6.98 1.38 -3.67
CA SER A 41 -8.06 0.46 -3.89
C SER A 41 -9.22 0.68 -2.94
N VAL A 42 -8.89 0.85 -1.66
CA VAL A 42 -9.93 1.06 -0.67
C VAL A 42 -10.58 2.43 -0.81
N LEU A 43 -9.79 3.46 -1.06
CA LEU A 43 -10.33 4.81 -1.30
C LEU A 43 -11.22 4.87 -2.53
N ALA A 44 -10.90 4.10 -3.56
CA ALA A 44 -11.79 3.99 -4.70
C ALA A 44 -13.16 3.44 -4.29
N MET A 45 -13.21 2.42 -3.45
CA MET A 45 -14.48 1.94 -2.94
C MET A 45 -15.19 2.99 -2.12
N LEU A 46 -14.41 3.72 -1.33
CA LEU A 46 -14.99 4.71 -0.42
C LEU A 46 -15.74 5.77 -1.22
N GLN A 47 -15.26 6.07 -2.43
CA GLN A 47 -15.96 7.03 -3.30
C GLN A 47 -17.40 6.62 -3.50
N MET A 48 -17.63 5.32 -3.61
CA MET A 48 -18.94 4.87 -3.96
C MET A 48 -19.87 4.77 -2.75
N THR A 49 -19.34 4.92 -1.53
CA THR A 49 -20.15 4.93 -0.33
C THR A 49 -20.46 6.34 0.18
N THR A 50 -19.78 7.34 -0.39
CA THR A 50 -19.85 8.70 0.13
C THR A 50 -20.55 9.59 -0.89
N ALA A 51 -20.92 10.78 -0.48
CA ALA A 51 -21.55 11.74 -1.38
C ALA A 51 -21.19 13.15 -0.92
N GLY A 52 -21.74 14.15 -1.59
CA GLY A 52 -21.57 15.51 -1.10
C GLY A 52 -20.11 15.85 -1.05
N LYS A 53 -19.75 16.68 -0.08
CA LYS A 53 -18.38 17.13 0.07
C LYS A 53 -17.41 16.03 0.50
N THR A 54 -17.91 15.01 1.19
CA THR A 54 -17.05 13.87 1.56
C THR A 54 -16.51 13.19 0.29
N ARG A 55 -17.41 12.76 -0.58
CA ARG A 55 -17.03 12.20 -1.86
CA ARG A 55 -17.00 12.20 -1.85
C ARG A 55 -16.13 13.16 -2.66
N ARG A 56 -16.49 14.44 -2.68
CA ARG A 56 -15.77 15.42 -3.48
C ARG A 56 -14.34 15.58 -3.00
N GLN A 57 -14.16 15.59 -1.69
CA GLN A 57 -12.80 15.59 -1.10
C GLN A 57 -11.98 14.43 -1.63
N ILE A 58 -12.57 13.24 -1.66
CA ILE A 58 -11.82 12.06 -2.07
C ILE A 58 -11.53 12.15 -3.56
N GLN A 59 -12.55 12.46 -4.35
CA GLN A 59 -12.35 12.58 -5.80
C GLN A 59 -11.27 13.60 -6.14
N ASP A 60 -11.32 14.75 -5.49
CA ASP A 60 -10.34 15.79 -5.72
C ASP A 60 -8.94 15.28 -5.37
N ALA A 61 -8.82 14.58 -4.25
CA ALA A 61 -7.51 14.17 -3.81
C ALA A 61 -6.98 13.07 -4.71
N MET A 62 -7.87 12.17 -5.14
CA MET A 62 -7.45 11.03 -5.95
C MET A 62 -7.25 11.36 -7.43
N GLY A 63 -7.93 12.40 -7.89
CA GLY A 63 -7.75 12.84 -9.27
C GLY A 63 -8.70 12.15 -10.25
N PHE A 64 -9.59 11.32 -9.72
CA PHE A 64 -10.56 10.68 -10.58
C PHE A 64 -11.82 10.31 -9.82
N LYS A 65 -12.85 10.04 -10.61
CA LYS A 65 -14.19 9.78 -10.11
C LYS A 65 -14.56 8.39 -10.54
N VAL A 66 -14.69 7.51 -9.56
CA VAL A 66 -14.90 6.09 -9.82
C VAL A 66 -16.14 5.78 -10.66
N ASN A 67 -17.17 6.58 -10.50
CA ASN A 67 -18.42 6.39 -11.22
C ASN A 67 -18.43 6.97 -12.64
N GLU A 68 -17.33 7.58 -13.07
CA GLU A 68 -17.34 8.27 -14.38
C GLU A 68 -16.55 7.56 -15.45
N LYS A 69 -16.92 7.82 -16.71
CA LYS A 69 -16.26 7.20 -17.84
C LYS A 69 -16.11 5.72 -17.50
N GLY A 70 -14.97 5.15 -17.88
CA GLY A 70 -14.77 3.76 -17.61
C GLY A 70 -13.76 3.63 -16.50
N THR A 71 -13.84 4.49 -15.50
CA THR A 71 -12.85 4.49 -14.43
C THR A 71 -12.92 3.23 -13.56
N ALA A 72 -14.12 2.85 -13.16
CA ALA A 72 -14.28 1.65 -12.34
C ALA A 72 -13.84 0.44 -13.16
N HIS A 73 -14.25 0.41 -14.43
CA HIS A 73 -13.82 -0.66 -15.32
C HIS A 73 -12.28 -0.71 -15.43
N ALA A 74 -11.65 0.46 -15.56
CA ALA A 74 -10.18 0.59 -15.60
C ALA A 74 -9.49 0.00 -14.37
N LEU A 75 -10.06 0.25 -13.20
CA LEU A 75 -9.51 -0.31 -12.01
C LEU A 75 -9.69 -1.83 -11.96
N ARG A 76 -10.83 -2.35 -12.41
CA ARG A 76 -11.02 -3.79 -12.43
C ARG A 76 -10.04 -4.42 -13.41
N GLN A 77 -9.83 -3.79 -14.56
CA GLN A 77 -8.85 -4.30 -15.51
C GLN A 77 -7.42 -4.23 -15.01
N LEU A 78 -7.12 -3.18 -14.24
CA LEU A 78 -5.84 -3.09 -13.54
C LEU A 78 -5.61 -4.28 -12.59
N SER A 79 -6.57 -4.58 -11.73
CA SER A 79 -6.39 -5.73 -10.84
C SER A 79 -6.20 -7.01 -11.65
N LYS A 80 -6.93 -7.17 -12.77
CA LYS A 80 -6.75 -8.34 -13.62
C LYS A 80 -5.33 -8.42 -14.14
N GLU A 81 -4.83 -7.31 -14.66
CA GLU A 81 -3.49 -7.30 -15.23
C GLU A 81 -2.44 -7.64 -14.15
N LEU A 82 -2.56 -7.04 -12.97
CA LEU A 82 -1.61 -7.32 -11.87
C LEU A 82 -1.60 -8.80 -11.49
N MET A 83 -2.76 -9.45 -11.57
CA MET A 83 -2.93 -10.84 -11.17
C MET A 83 -2.65 -11.84 -12.29
N GLY A 84 -2.35 -11.35 -13.48
CA GLY A 84 -2.15 -12.25 -14.60
C GLY A 84 -0.92 -13.12 -14.51
N PRO A 85 -0.99 -14.34 -15.07
CA PRO A 85 0.08 -15.33 -14.96
C PRO A 85 1.36 -14.92 -15.67
N TRP A 86 1.25 -14.03 -16.65
CA TRP A 86 2.42 -13.57 -17.38
C TRP A 86 3.37 -12.73 -16.53
N ASN A 87 2.92 -12.25 -15.39
CA ASN A 87 3.79 -11.54 -14.47
C ASN A 87 4.87 -12.42 -13.86
N LYS A 88 4.61 -13.71 -13.87
CA LYS A 88 5.56 -14.77 -13.43
C LYS A 88 5.84 -14.72 -11.93
N ASN A 89 5.04 -13.91 -11.23
CA ASN A 89 5.12 -13.79 -9.77
C ASN A 89 3.72 -13.59 -9.24
N GLU A 90 3.37 -14.31 -8.19
CA GLU A 90 2.02 -14.28 -7.65
C GLU A 90 1.66 -12.91 -7.03
N ILE A 91 0.57 -12.33 -7.50
CA ILE A 91 -0.02 -11.15 -6.88
C ILE A 91 -1.50 -11.42 -6.74
N SER A 92 -2.06 -11.16 -5.56
CA SER A 92 -3.51 -11.22 -5.43
C SER A 92 -3.97 -9.94 -4.75
N THR A 93 -5.12 -9.42 -5.17
CA THR A 93 -5.65 -8.25 -4.52
C THR A 93 -7.14 -8.52 -4.36
N ALA A 94 -7.72 -8.14 -3.22
CA ALA A 94 -9.14 -8.42 -2.99
C ALA A 94 -9.64 -7.24 -2.21
N ASP A 95 -10.89 -6.83 -2.43
CA ASP A 95 -11.46 -5.70 -1.73
C ASP A 95 -12.73 -6.22 -1.11
N ALA A 96 -13.12 -5.67 0.03
CA ALA A 96 -14.34 -6.12 0.67
C ALA A 96 -14.95 -4.93 1.38
N ILE A 97 -16.27 -4.98 1.53
CA ILE A 97 -17.00 -4.00 2.28
C ILE A 97 -17.90 -4.78 3.23
N PHE A 98 -17.76 -4.47 4.52
CA PHE A 98 -18.55 -5.04 5.58
C PHE A 98 -19.41 -3.92 6.09
N VAL A 99 -20.72 -4.15 6.13
CA VAL A 99 -21.65 -3.14 6.66
C VAL A 99 -22.50 -3.73 7.79
N GLN A 100 -22.89 -2.89 8.73
CA GLN A 100 -23.81 -3.28 9.79
C GLN A 100 -25.01 -3.99 9.18
N ARG A 101 -25.32 -5.16 9.72
CA ARG A 101 -26.36 -6.00 9.13
C ARG A 101 -27.73 -5.32 8.99
N ASP A 102 -28.13 -4.55 9.98
CA ASP A 102 -29.48 -3.98 9.97
C ASP A 102 -29.48 -2.53 9.50
N LEU A 103 -28.38 -2.10 8.90
CA LEU A 103 -28.31 -0.79 8.30
C LEU A 103 -29.05 -0.85 6.97
N GLU A 104 -30.04 0.01 6.82
CA GLU A 104 -30.80 0.01 5.58
C GLU A 104 -30.00 0.73 4.50
N LEU A 105 -29.63 -0.02 3.46
CA LEU A 105 -28.83 0.54 2.39
C LEU A 105 -29.68 1.27 1.37
N VAL A 106 -29.05 2.22 0.68
CA VAL A 106 -29.74 2.95 -0.38
C VAL A 106 -30.18 1.95 -1.43
N GLN A 107 -31.40 2.13 -1.93
CA GLN A 107 -31.94 1.21 -2.92
C GLN A 107 -30.97 1.04 -4.09
N GLY A 108 -30.63 -0.20 -4.40
CA GLY A 108 -29.74 -0.48 -5.53
C GLY A 108 -28.25 -0.42 -5.20
N PHE A 109 -27.90 -0.08 -3.96
CA PHE A 109 -26.48 0.02 -3.61
C PHE A 109 -25.73 -1.28 -3.88
N MET A 110 -26.26 -2.40 -3.40
CA MET A 110 -25.54 -3.66 -3.46
C MET A 110 -25.23 -4.15 -4.88
N PRO A 111 -26.23 -4.07 -5.78
CA PRO A 111 -26.07 -4.39 -7.21
C PRO A 111 -25.06 -3.47 -7.91
N HIS A 112 -25.15 -2.17 -7.62
CA HIS A 112 -24.31 -1.18 -8.25
C HIS A 112 -22.87 -1.34 -7.78
N PHE A 113 -22.68 -1.54 -6.47
CA PHE A 113 -21.36 -1.79 -5.94
C PHE A 113 -20.77 -3.06 -6.56
N PHE A 114 -21.59 -4.10 -6.71
CA PHE A 114 -21.06 -5.34 -7.24
C PHE A 114 -20.64 -5.15 -8.70
N LYS A 115 -21.42 -4.36 -9.42
CA LYS A 115 -21.14 -4.03 -10.81
C LYS A 115 -19.81 -3.31 -10.95
N LEU A 116 -19.63 -2.23 -10.19
CA LEU A 116 -18.41 -1.45 -10.27
C LEU A 116 -17.21 -2.18 -9.70
N PHE A 117 -17.42 -2.98 -8.65
CA PHE A 117 -16.29 -3.55 -7.94
C PHE A 117 -16.22 -5.07 -7.94
N GLN A 118 -17.29 -5.73 -8.34
CA GLN A 118 -17.31 -7.19 -8.40
C GLN A 118 -17.03 -7.84 -7.03
N THR A 119 -17.48 -7.19 -5.97
CA THR A 119 -17.45 -7.78 -4.63
C THR A 119 -18.82 -7.48 -4.07
N MET A 120 -19.40 -8.44 -3.37
CA MET A 120 -20.72 -8.25 -2.75
CA MET A 120 -20.71 -8.26 -2.75
C MET A 120 -20.59 -7.74 -1.32
N VAL A 121 -21.46 -6.79 -0.95
CA VAL A 121 -21.50 -6.28 0.40
C VAL A 121 -21.65 -7.44 1.38
N LYS A 122 -20.78 -7.49 2.39
CA LYS A 122 -20.90 -8.49 3.44
C LYS A 122 -21.53 -7.87 4.69
N GLN A 123 -22.54 -8.51 5.24
CA GLN A 123 -23.21 -7.98 6.41
C GLN A 123 -22.60 -8.57 7.67
N VAL A 124 -22.54 -7.75 8.71
CA VAL A 124 -21.85 -8.12 9.92
C VAL A 124 -22.53 -7.35 11.04
N ASP A 125 -22.70 -7.97 12.20
CA ASP A 125 -23.19 -7.22 13.35
C ASP A 125 -22.01 -6.78 14.18
N PHE A 126 -21.69 -5.50 14.09
CA PHE A 126 -20.53 -4.96 14.77
C PHE A 126 -20.71 -4.90 16.29
N SER A 127 -21.94 -5.07 16.75
CA SER A 127 -22.22 -5.09 18.21
C SER A 127 -21.83 -6.42 18.84
N GLU A 128 -21.65 -7.42 17.99
CA GLU A 128 -21.05 -8.69 18.34
C GLU A 128 -19.59 -8.48 18.04
N VAL A 129 -18.92 -7.79 18.94
CA VAL A 129 -17.64 -7.16 18.62
C VAL A 129 -16.55 -8.17 18.30
N GLU A 130 -16.47 -9.22 19.09
CA GLU A 130 -15.49 -10.26 18.83
C GLU A 130 -15.79 -11.06 17.57
N ARG A 131 -17.06 -11.34 17.29
CA ARG A 131 -17.40 -12.07 16.09
CA ARG A 131 -17.41 -12.07 16.08
C ARG A 131 -17.07 -11.23 14.85
N ALA A 132 -17.42 -9.95 14.90
CA ALA A 132 -17.20 -9.05 13.77
C ALA A 132 -15.72 -8.93 13.45
N ARG A 133 -14.93 -8.76 14.49
CA ARG A 133 -13.48 -8.76 14.37
C ARG A 133 -12.96 -10.07 13.77
N PHE A 134 -13.47 -11.20 14.23
CA PHE A 134 -13.03 -12.47 13.65
C PHE A 134 -13.31 -12.52 12.15
N ILE A 135 -14.54 -12.18 11.79
CA ILE A 135 -14.98 -12.35 10.41
C ILE A 135 -14.07 -11.51 9.53
N ILE A 136 -13.81 -10.29 9.95
CA ILE A 136 -12.98 -9.43 9.13
C ILE A 136 -11.51 -9.86 9.17
N ASN A 137 -11.00 -10.18 10.35
CA ASN A 137 -9.63 -10.67 10.43
C ASN A 137 -9.40 -11.95 9.63
N ASP A 138 -10.42 -12.80 9.58
CA ASP A 138 -10.32 -14.07 8.90
C ASP A 138 -10.32 -13.83 7.40
N TRP A 139 -11.13 -12.88 6.98
CA TRP A 139 -11.12 -12.54 5.55
C TRP A 139 -9.74 -12.01 5.14
N VAL A 140 -9.18 -11.11 5.93
CA VAL A 140 -7.84 -10.64 5.70
C VAL A 140 -6.77 -11.73 5.69
N GLU A 141 -6.80 -12.61 6.69
CA GLU A 141 -5.87 -13.71 6.64
C GLU A 141 -6.00 -14.55 5.40
N ARG A 142 -7.23 -14.92 5.05
CA ARG A 142 -7.45 -15.76 3.91
C ARG A 142 -6.93 -15.09 2.65
N HIS A 143 -7.00 -13.75 2.60
CA HIS A 143 -6.54 -13.02 1.41
C HIS A 143 -5.11 -12.48 1.44
N THR A 144 -4.37 -12.79 2.50
CA THR A 144 -2.95 -12.46 2.53
C THR A 144 -2.17 -13.72 2.84
N LYS A 145 -2.77 -14.88 2.57
CA LYS A 145 -2.14 -16.17 2.85
C LYS A 145 -1.69 -16.26 4.31
N GLY A 146 -2.48 -15.70 5.22
CA GLY A 146 -2.14 -15.77 6.64
C GLY A 146 -1.00 -14.87 7.06
N MET A 147 -0.59 -13.95 6.21
CA MET A 147 0.54 -13.08 6.49
CA MET A 147 0.55 -13.08 6.52
C MET A 147 0.14 -11.86 7.34
N ILE A 148 -1.09 -11.38 7.12
CA ILE A 148 -1.56 -10.23 7.88
C ILE A 148 -2.57 -10.76 8.89
N ASN A 149 -2.09 -10.88 10.13
CA ASN A 149 -2.85 -11.45 11.25
C ASN A 149 -3.43 -10.41 12.16
N ASP A 150 -4.65 -10.62 12.60
CA ASP A 150 -5.28 -9.77 13.62
C ASP A 150 -5.20 -8.33 13.23
N LEU A 151 -5.58 -8.04 11.98
CA LEU A 151 -5.61 -6.69 11.52
C LEU A 151 -6.41 -5.81 12.47
N LEU A 152 -7.57 -6.32 12.89
CA LEU A 152 -8.46 -5.61 13.79
C LEU A 152 -8.14 -6.08 15.21
N ALA A 153 -7.52 -5.24 16.00
CA ALA A 153 -7.23 -5.55 17.38
C ALA A 153 -8.49 -5.32 18.17
N LYS A 154 -8.48 -5.69 19.45
CA LYS A 154 -9.61 -5.35 20.28
C LYS A 154 -9.81 -3.82 20.19
N GLY A 155 -11.06 -3.39 20.19
CA GLY A 155 -11.35 -1.97 20.01
C GLY A 155 -11.22 -1.44 18.59
N ALA A 156 -10.90 -2.30 17.62
CA ALA A 156 -10.74 -1.82 16.24
C ALA A 156 -12.08 -1.39 15.64
N VAL A 157 -13.13 -2.09 16.07
CA VAL A 157 -14.50 -1.77 15.72
C VAL A 157 -15.32 -1.96 16.99
N ASP A 158 -16.52 -1.40 17.01
CA ASP A 158 -17.41 -1.62 18.13
C ASP A 158 -18.86 -1.52 17.70
N GLU A 159 -19.73 -1.46 18.69
CA GLU A 159 -21.16 -1.44 18.45
C GLU A 159 -21.61 -0.28 17.55
N LEU A 160 -20.80 0.79 17.50
CA LEU A 160 -21.19 1.97 16.76
C LEU A 160 -20.71 1.94 15.32
N THR A 161 -19.81 1.02 15.03
CA THR A 161 -19.24 0.85 13.70
C THR A 161 -20.36 0.51 12.73
N ARG A 162 -20.34 1.09 11.52
CA ARG A 162 -21.35 0.76 10.52
C ARG A 162 -20.76 0.23 9.21
N LEU A 163 -19.53 0.62 8.92
CA LEU A 163 -18.92 0.32 7.63
C LEU A 163 -17.43 0.09 7.80
N VAL A 164 -16.95 -1.01 7.23
CA VAL A 164 -15.54 -1.21 7.15
C VAL A 164 -15.22 -1.62 5.72
N LEU A 165 -14.29 -0.90 5.12
CA LEU A 165 -13.79 -1.26 3.80
C LEU A 165 -12.37 -1.72 3.97
N VAL A 166 -11.97 -2.73 3.20
CA VAL A 166 -10.69 -3.38 3.35
C VAL A 166 -10.15 -3.77 1.99
N ASN A 167 -8.86 -3.55 1.78
CA ASN A 167 -8.17 -4.17 0.68
C ASN A 167 -7.20 -5.17 1.31
N ALA A 168 -6.99 -6.31 0.66
CA ALA A 168 -5.85 -7.18 0.99
C ALA A 168 -5.01 -7.44 -0.25
N LEU A 169 -3.71 -7.26 -0.13
CA LEU A 169 -2.80 -7.41 -1.25
C LEU A 169 -1.72 -8.39 -0.86
N TYR A 170 -1.40 -9.32 -1.75
CA TYR A 170 -0.33 -10.27 -1.48
C TYR A 170 0.59 -10.39 -2.69
N PHE A 171 1.90 -10.39 -2.47
CA PHE A 171 2.90 -10.51 -3.53
C PHE A 171 3.96 -11.50 -3.11
N SER A 172 4.30 -12.43 -3.99
CA SER A 172 5.44 -13.27 -3.77
C SER A 172 6.24 -13.30 -5.07
N GLY A 173 7.44 -12.74 -5.04
CA GLY A 173 8.24 -12.57 -6.23
C GLY A 173 9.57 -13.25 -6.06
N GLN A 174 10.08 -13.81 -7.15
CA GLN A 174 11.39 -14.40 -7.09
C GLN A 174 12.32 -13.51 -7.87
N TRP A 175 13.47 -13.18 -7.31
CA TRP A 175 14.44 -12.39 -8.05
C TRP A 175 14.74 -13.01 -9.43
N LYS A 176 14.85 -12.18 -10.45
CA LYS A 176 15.25 -12.68 -11.76
C LYS A 176 16.61 -13.35 -11.66
N THR A 177 17.50 -12.78 -10.87
CA THR A 177 18.76 -13.47 -10.50
C THR A 177 18.89 -13.52 -8.97
N PRO A 178 18.67 -14.69 -8.38
CA PRO A 178 18.68 -14.72 -6.92
C PRO A 178 20.07 -14.45 -6.38
N PHE A 179 20.12 -14.11 -5.10
CA PHE A 179 21.37 -14.02 -4.37
C PHE A 179 21.72 -15.42 -3.96
N LEU A 180 23.02 -15.69 -3.87
CA LEU A 180 23.47 -16.98 -3.38
C LEU A 180 23.62 -16.90 -1.87
N GLU A 181 23.01 -17.84 -1.15
CA GLU A 181 23.11 -17.82 0.30
C GLU A 181 24.56 -17.83 0.73
N ALA A 182 25.39 -18.49 -0.05
CA ALA A 182 26.82 -18.58 0.26
C ALA A 182 27.42 -17.19 0.34
N SER A 183 26.87 -16.25 -0.40
CA SER A 183 27.43 -14.89 -0.49
C SER A 183 26.88 -13.96 0.58
N THR A 184 25.90 -14.44 1.33
CA THR A 184 25.33 -13.67 2.42
C THR A 184 26.26 -13.75 3.63
N HIS A 185 26.48 -12.60 4.26
CA HIS A 185 27.45 -12.51 5.34
C HIS A 185 26.91 -11.55 6.38
N GLN A 186 27.25 -11.78 7.65
CA GLN A 186 26.86 -10.87 8.72
C GLN A 186 27.75 -9.63 8.68
N ARG A 187 27.14 -8.45 8.79
CA ARG A 187 27.91 -7.22 8.90
C ARG A 187 27.69 -6.64 10.28
N LEU A 188 28.75 -6.10 10.87
CA LEU A 188 28.74 -5.59 12.23
C LEU A 188 28.92 -4.08 12.24
N VAL A 197 25.27 -4.77 16.56
CA VAL A 197 24.41 -5.86 16.13
C VAL A 197 24.80 -6.43 14.76
N SER A 198 24.78 -7.75 14.65
CA SER A 198 25.11 -8.43 13.40
C SER A 198 23.92 -8.41 12.44
N VAL A 199 24.20 -8.12 11.18
CA VAL A 199 23.16 -7.92 10.17
C VAL A 199 23.54 -8.69 8.91
N PRO A 200 22.65 -9.58 8.43
CA PRO A 200 22.92 -10.35 7.22
C PRO A 200 22.82 -9.48 5.97
N MET A 201 23.91 -9.45 5.20
CA MET A 201 23.94 -8.66 3.98
C MET A 201 24.08 -9.60 2.79
N MET A 202 23.16 -9.48 1.84
CA MET A 202 23.21 -10.31 0.64
C MET A 202 24.06 -9.63 -0.41
N ALA A 203 24.67 -10.41 -1.30
CA ALA A 203 25.58 -9.84 -2.28
C ALA A 203 25.57 -10.62 -3.58
N GLN A 204 25.64 -9.89 -4.68
CA GLN A 204 25.48 -10.44 -6.01
C GLN A 204 26.15 -9.44 -6.96
N SER A 205 26.99 -9.92 -7.87
CA SER A 205 27.47 -9.05 -8.93
C SER A 205 26.88 -9.53 -10.26
N ASN A 206 26.17 -8.61 -10.93
CA ASN A 206 25.48 -8.93 -12.15
C ASN A 206 25.21 -7.65 -12.91
N LYS A 207 24.60 -7.79 -14.08
CA LYS A 207 24.19 -6.65 -14.86
C LYS A 207 22.90 -6.12 -14.26
N PHE A 208 22.90 -4.87 -13.84
CA PHE A 208 21.68 -4.27 -13.29
C PHE A 208 21.41 -2.94 -13.95
N ASN A 209 20.15 -2.63 -14.15
CA ASN A 209 19.78 -1.30 -14.59
C ASN A 209 20.08 -0.34 -13.47
N TYR A 210 20.78 0.73 -13.82
CA TYR A 210 21.30 1.63 -12.83
C TYR A 210 21.25 3.06 -13.36
N THR A 211 21.02 4.00 -12.45
CA THR A 211 21.13 5.38 -12.83
C THR A 211 21.59 6.24 -11.66
N GLU A 212 22.31 7.30 -11.98
CA GLU A 212 22.64 8.28 -10.98
C GLU A 212 21.60 9.37 -11.16
N PHE A 213 21.36 10.15 -10.11
CA PHE A 213 20.35 11.19 -10.14
C PHE A 213 20.72 12.23 -9.10
N THR A 214 20.18 13.43 -9.26
CA THR A 214 20.36 14.46 -8.24
C THR A 214 19.02 15.09 -7.89
N THR A 215 18.84 15.44 -6.62
CA THR A 215 17.63 16.08 -6.17
C THR A 215 17.65 17.54 -6.63
N PRO A 216 16.50 18.23 -6.51
CA PRO A 216 16.49 19.65 -6.83
C PRO A 216 17.63 20.44 -6.17
N ASP A 217 18.07 20.01 -4.99
CA ASP A 217 19.16 20.71 -4.28
C ASP A 217 20.55 20.19 -4.61
N GLY A 218 20.67 19.42 -5.68
CA GLY A 218 21.97 18.93 -6.09
C GLY A 218 22.51 17.84 -5.18
N LEU A 219 21.66 17.27 -4.34
CA LEU A 219 22.07 16.10 -3.59
C LEU A 219 22.11 14.93 -4.57
N GLU A 220 23.22 14.22 -4.59
CA GLU A 220 23.37 13.11 -5.51
C GLU A 220 22.82 11.85 -4.89
N TYR A 221 22.23 11.02 -5.74
CA TYR A 221 21.80 9.70 -5.31
C TYR A 221 21.73 8.81 -6.54
N ASP A 222 21.48 7.54 -6.32
CA ASP A 222 21.36 6.63 -7.43
C ASP A 222 20.21 5.67 -7.21
N VAL A 223 19.83 4.98 -8.28
CA VAL A 223 18.73 4.07 -8.23
C VAL A 223 19.16 2.83 -9.01
N VAL A 224 18.96 1.68 -8.42
CA VAL A 224 19.22 0.44 -9.11
C VAL A 224 17.92 -0.36 -9.14
N GLU A 225 17.72 -1.10 -10.24
CA GLU A 225 16.52 -1.89 -10.38
C GLU A 225 16.86 -3.36 -10.21
N LEU A 226 16.25 -4.04 -9.24
CA LEU A 226 16.40 -5.48 -9.09
C LEU A 226 15.13 -6.12 -9.62
N PRO A 227 15.22 -6.76 -10.78
CA PRO A 227 14.00 -7.30 -11.32
C PRO A 227 13.58 -8.61 -10.67
N TYR A 228 12.27 -8.84 -10.63
CA TYR A 228 11.77 -10.19 -10.37
C TYR A 228 11.76 -10.93 -11.69
N GLN A 229 11.57 -12.25 -11.60
CA GLN A 229 11.59 -13.06 -12.80
C GLN A 229 10.44 -12.62 -13.70
N GLY A 230 10.55 -12.86 -15.00
CA GLY A 230 9.59 -12.27 -15.93
C GLY A 230 10.02 -10.89 -16.34
N ASP A 231 9.10 -10.10 -16.88
CA ASP A 231 9.49 -8.81 -17.42
CA ASP A 231 9.46 -8.82 -17.47
C ASP A 231 8.56 -7.67 -17.00
N THR A 232 7.84 -7.85 -15.89
CA THR A 232 6.91 -6.80 -15.48
C THR A 232 7.17 -6.19 -14.12
N LEU A 233 7.77 -6.96 -13.21
CA LEU A 233 7.93 -6.53 -11.83
C LEU A 233 9.39 -6.36 -11.44
N SER A 234 9.69 -5.34 -10.65
CA SER A 234 11.01 -5.14 -10.14
C SER A 234 10.93 -4.32 -8.85
N MET A 235 12.02 -4.34 -8.09
CA MET A 235 12.15 -3.48 -6.94
C MET A 235 13.16 -2.41 -7.31
N PHE A 236 12.78 -1.15 -7.14
CA PHE A 236 13.75 -0.08 -7.23
C PHE A 236 14.36 0.27 -5.87
N ILE A 237 15.68 0.42 -5.86
CA ILE A 237 16.36 0.80 -4.64
C ILE A 237 17.07 2.12 -4.86
N ALA A 238 16.69 3.12 -4.06
CA ALA A 238 17.20 4.46 -4.20
C ALA A 238 17.83 4.94 -2.89
N ALA A 239 18.99 5.57 -2.98
CA ALA A 239 19.69 6.00 -1.77
C ALA A 239 20.62 7.14 -2.17
N PRO A 240 20.79 8.12 -1.28
CA PRO A 240 21.78 9.18 -1.51
C PRO A 240 23.18 8.58 -1.62
N PHE A 241 24.01 9.18 -2.48
CA PHE A 241 25.41 8.83 -2.59
C PHE A 241 26.05 9.03 -1.22
N GLU A 242 25.87 10.20 -0.62
CA GLU A 242 26.38 10.43 0.72
C GLU A 242 25.48 9.79 1.79
N LYS A 243 26.09 8.94 2.61
CA LYS A 243 25.34 8.22 3.62
C LYS A 243 24.73 9.10 4.70
N ASP A 244 25.31 10.26 4.94
CA ASP A 244 24.82 11.18 6.00
C ASP A 244 23.52 11.89 5.65
N VAL A 245 23.19 11.94 4.36
CA VAL A 245 22.02 12.67 3.88
C VAL A 245 20.75 12.03 4.40
N HIS A 246 19.91 12.82 5.06
CA HIS A 246 18.60 12.36 5.53
C HIS A 246 17.71 11.95 4.35
N LEU A 247 17.07 10.79 4.47
CA LEU A 247 16.29 10.23 3.35
C LEU A 247 15.13 11.12 2.91
N SER A 248 14.70 12.04 3.77
CA SER A 248 13.61 12.94 3.39
C SER A 248 13.93 13.70 2.11
N ALA A 249 15.23 13.93 1.85
CA ALA A 249 15.68 14.54 0.60
C ALA A 249 15.10 13.80 -0.59
N LEU A 250 14.95 12.49 -0.46
CA LEU A 250 14.41 11.68 -1.52
C LEU A 250 12.90 11.52 -1.41
N THR A 251 12.41 11.18 -0.23
CA THR A 251 10.98 10.93 -0.10
C THR A 251 10.15 12.18 -0.33
N ASN A 252 10.72 13.35 -0.03
CA ASN A 252 10.02 14.62 -0.24
C ASN A 252 9.73 14.89 -1.71
N ILE A 253 10.44 14.23 -2.62
CA ILE A 253 10.35 14.60 -4.03
C ILE A 253 9.79 13.47 -4.89
N LEU A 254 9.40 12.39 -4.22
CA LEU A 254 8.85 11.23 -4.89
C LEU A 254 7.52 11.52 -5.57
N ASP A 255 7.39 11.06 -6.82
CA ASP A 255 6.11 10.96 -7.48
C ASP A 255 6.27 10.00 -8.65
N ALA A 256 5.16 9.65 -9.29
CA ALA A 256 5.18 8.69 -10.39
C ALA A 256 6.08 9.16 -11.52
N GLU A 257 6.11 10.47 -11.78
CA GLU A 257 6.95 11.01 -12.83
C GLU A 257 8.43 10.79 -12.52
N LEU A 258 8.81 11.00 -11.27
CA LEU A 258 10.22 10.82 -10.91
C LEU A 258 10.60 9.35 -11.12
N ILE A 259 9.72 8.44 -10.74
CA ILE A 259 10.01 7.02 -10.90
C ILE A 259 10.13 6.62 -12.39
N ARG A 260 9.27 7.18 -13.24
CA ARG A 260 9.40 6.98 -14.69
C ARG A 260 10.74 7.49 -15.19
N GLN A 261 11.18 8.59 -14.60
CA GLN A 261 12.45 9.23 -14.94
C GLN A 261 13.63 8.35 -14.55
N TRP A 262 13.54 7.72 -13.38
CA TRP A 262 14.57 6.78 -12.96
C TRP A 262 14.72 5.66 -14.00
N LYS A 263 13.64 4.92 -14.21
CA LYS A 263 13.66 3.79 -15.13
C LYS A 263 14.12 4.25 -16.52
N GLY A 264 13.50 5.32 -17.01
CA GLY A 264 13.80 5.85 -18.34
C GLY A 264 15.25 6.28 -18.51
N ASN A 265 15.92 6.54 -17.39
CA ASN A 265 17.31 6.96 -17.43
C ASN A 265 18.36 5.87 -17.24
N MET A 266 17.93 4.67 -16.86
CA MET A 266 18.87 3.63 -16.48
C MET A 266 19.62 3.06 -17.66
N THR A 267 20.78 2.50 -17.36
CA THR A 267 21.47 1.65 -18.32
C THR A 267 21.94 0.43 -17.55
N ARG A 268 22.13 -0.66 -18.29
CA ARG A 268 22.43 -1.93 -17.68
C ARG A 268 23.93 -2.08 -17.55
N LEU A 269 24.41 -2.42 -16.37
CA LEU A 269 25.82 -2.40 -16.11
C LEU A 269 26.17 -3.38 -15.03
N PRO A 270 27.40 -3.94 -15.06
CA PRO A 270 27.83 -4.95 -14.09
C PRO A 270 28.15 -4.33 -12.73
N ARG A 271 27.23 -4.50 -11.78
CA ARG A 271 27.35 -3.87 -10.46
C ARG A 271 27.49 -4.93 -9.38
N LEU A 272 28.22 -4.60 -8.32
CA LEU A 272 28.16 -5.42 -7.12
C LEU A 272 26.97 -4.93 -6.31
N LEU A 273 25.95 -5.79 -6.18
CA LEU A 273 24.75 -5.39 -5.47
C LEU A 273 24.78 -5.96 -4.06
N ILE A 274 24.74 -5.06 -3.08
CA ILE A 274 24.61 -5.44 -1.70
C ILE A 274 23.21 -5.07 -1.24
N LEU A 275 22.51 -6.01 -0.64
CA LEU A 275 21.16 -5.75 -0.14
C LEU A 275 20.98 -6.47 1.19
N PRO A 276 20.49 -5.75 2.20
CA PRO A 276 20.27 -6.46 3.45
C PRO A 276 19.17 -7.51 3.31
N LYS A 277 19.35 -8.64 3.97
CA LYS A 277 18.27 -9.61 4.13
C LYS A 277 17.45 -9.12 5.30
N PHE A 278 16.17 -8.77 5.08
CA PHE A 278 15.41 -8.18 6.17
C PHE A 278 13.94 -8.47 6.06
N SER A 279 13.25 -8.39 7.18
CA SER A 279 11.80 -8.49 7.21
C SER A 279 11.34 -7.26 7.97
N LEU A 280 10.26 -6.66 7.51
CA LEU A 280 9.80 -5.45 8.14
C LEU A 280 8.29 -5.59 8.24
N GLU A 281 7.70 -5.22 9.38
CA GLU A 281 6.25 -5.25 9.48
C GLU A 281 5.85 -3.98 10.18
N THR A 282 5.01 -3.19 9.53
CA THR A 282 4.60 -1.92 10.08
C THR A 282 3.08 -1.75 10.01
N GLU A 283 2.53 -0.97 10.92
CA GLU A 283 1.14 -0.59 10.81
C GLU A 283 1.13 0.91 11.00
N VAL A 284 0.49 1.60 10.06
CA VAL A 284 0.46 3.04 10.09
C VAL A 284 -0.97 3.55 10.14
N ASP A 285 -1.19 4.65 10.85
CA ASP A 285 -2.43 5.40 10.78
C ASP A 285 -2.59 6.02 9.39
N LEU A 286 -3.79 5.96 8.84
CA LEU A 286 -4.05 6.67 7.59
C LEU A 286 -5.01 7.85 7.78
N ARG A 287 -5.60 7.97 8.95
CA ARG A 287 -6.53 9.10 9.15
C ARG A 287 -5.82 10.44 9.03
N GLY A 288 -4.67 10.57 9.69
CA GLY A 288 -3.87 11.79 9.63
C GLY A 288 -3.51 12.12 8.18
N PRO A 289 -2.85 11.19 7.49
CA PRO A 289 -2.47 11.37 6.07
C PRO A 289 -3.65 11.75 5.18
N LEU A 290 -4.76 11.04 5.34
CA LEU A 290 -5.94 11.35 4.54
C LEU A 290 -6.50 12.73 4.86
N GLU A 291 -6.54 13.10 6.14
CA GLU A 291 -6.95 14.45 6.52
C GLU A 291 -6.02 15.47 5.92
N LYS A 292 -4.71 15.22 6.03
CA LYS A 292 -3.74 16.17 5.51
C LYS A 292 -3.87 16.32 4.01
N LEU A 293 -4.32 15.25 3.34
CA LEU A 293 -4.50 15.30 1.89
C LEU A 293 -5.91 15.79 1.50
N GLY A 294 -6.66 16.34 2.46
CA GLY A 294 -7.86 17.10 2.13
C GLY A 294 -9.13 16.28 2.25
N MET A 295 -9.05 15.17 2.97
CA MET A 295 -10.26 14.36 3.17
C MET A 295 -10.63 14.17 4.64
N PRO A 296 -10.82 15.26 5.39
CA PRO A 296 -11.13 15.09 6.81
C PRO A 296 -12.59 14.70 7.09
N ASP A 297 -13.50 15.01 6.16
CA ASP A 297 -14.94 14.91 6.46
C ASP A 297 -15.42 13.52 6.78
N MET A 298 -14.87 12.52 6.07
CA MET A 298 -15.30 11.14 6.24
C MET A 298 -15.15 10.64 7.67
N PHE A 299 -14.17 11.18 8.39
CA PHE A 299 -13.90 10.80 9.79
C PHE A 299 -14.78 11.51 10.81
N SER A 300 -15.63 12.43 10.35
CA SER A 300 -16.44 13.20 11.27
C SER A 300 -17.86 12.69 11.33
N ALA A 301 -18.34 12.36 12.53
CA ALA A 301 -19.71 11.88 12.67
C ALA A 301 -20.68 13.01 12.36
N THR A 302 -20.22 14.25 12.39
CA THR A 302 -21.14 15.34 12.11
C THR A 302 -21.01 15.90 10.69
N LEU A 303 -19.85 15.76 10.07
CA LEU A 303 -19.61 16.29 8.73
C LEU A 303 -19.74 15.27 7.62
N ALA A 304 -19.49 14.00 7.95
CA ALA A 304 -19.41 12.95 6.92
C ALA A 304 -20.72 12.76 6.17
N ASP A 305 -20.60 12.49 4.88
CA ASP A 305 -21.73 12.17 4.05
C ASP A 305 -21.54 10.81 3.45
N PHE A 306 -22.24 9.82 3.98
CA PHE A 306 -22.22 8.46 3.48
C PHE A 306 -23.60 8.13 2.93
N THR A 307 -24.26 9.12 2.34
CA THR A 307 -25.65 8.90 1.94
C THR A 307 -25.74 8.11 0.63
N SER A 308 -24.60 7.86 -0.01
CA SER A 308 -24.55 6.92 -1.14
C SER A 308 -24.72 5.49 -0.64
N LEU A 309 -24.36 5.26 0.60
CA LEU A 309 -24.44 3.93 1.20
C LEU A 309 -25.79 3.77 1.87
N SER A 310 -26.16 4.74 2.71
CA SER A 310 -27.38 4.70 3.48
C SER A 310 -27.82 6.10 3.85
N ASP A 311 -29.11 6.33 3.85
CA ASP A 311 -29.67 7.59 4.31
C ASP A 311 -30.62 7.31 5.45
N GLN A 312 -30.44 6.16 6.10
CA GLN A 312 -31.22 5.80 7.28
C GLN A 312 -30.62 6.52 8.48
N GLU A 313 -29.33 6.81 8.37
CA GLU A 313 -28.54 7.07 9.54
C GLU A 313 -27.34 7.93 9.20
N GLN A 314 -26.95 8.84 10.09
CA GLN A 314 -25.64 9.48 9.99
C GLN A 314 -24.55 8.43 10.19
N LEU A 315 -23.57 8.40 9.30
CA LEU A 315 -22.49 7.42 9.38
C LEU A 315 -21.17 8.13 9.22
N SER A 316 -20.11 7.52 9.73
CA SER A 316 -18.75 8.01 9.47
C SER A 316 -17.81 6.83 9.71
N VAL A 317 -16.52 7.03 9.43
CA VAL A 317 -15.51 6.03 9.73
C VAL A 317 -14.59 6.64 10.78
N ALA A 318 -14.13 5.85 11.75
CA ALA A 318 -13.40 6.42 12.87
C ALA A 318 -11.92 6.64 12.53
N GLN A 319 -11.38 5.73 11.77
CA GLN A 319 -9.97 5.77 11.46
C GLN A 319 -9.70 4.83 10.31
N ALA A 320 -8.47 4.84 9.83
CA ALA A 320 -8.07 3.90 8.81
C ALA A 320 -6.63 3.62 9.08
N LEU A 321 -6.15 2.43 8.69
CA LEU A 321 -4.83 2.01 9.01
C LEU A 321 -4.37 1.12 7.89
N GLN A 322 -3.08 0.90 7.80
CA GLN A 322 -2.69 -0.17 6.93
C GLN A 322 -1.53 -0.94 7.55
N LYS A 323 -1.63 -2.26 7.57
CA LYS A 323 -0.60 -3.09 8.14
C LYS A 323 0.04 -3.80 6.98
N VAL A 324 1.37 -3.75 6.93
CA VAL A 324 2.14 -4.27 5.81
C VAL A 324 3.34 -5.05 6.33
N ARG A 325 3.68 -6.10 5.62
CA ARG A 325 4.83 -6.92 5.98
C ARG A 325 5.60 -7.15 4.69
N ILE A 326 6.91 -7.04 4.75
CA ILE A 326 7.74 -7.41 3.63
C ILE A 326 8.90 -8.25 4.15
N GLU A 327 9.27 -9.25 3.36
CA GLU A 327 10.35 -10.15 3.68
C GLU A 327 11.22 -10.19 2.44
N VAL A 328 12.47 -9.80 2.58
CA VAL A 328 13.37 -9.75 1.46
C VAL A 328 14.49 -10.72 1.76
N ASN A 329 14.74 -11.66 0.87
CA ASN A 329 15.83 -12.60 1.09
C ASN A 329 16.51 -12.96 -0.22
N GLU A 330 17.30 -14.02 -0.19
CA GLU A 330 18.14 -14.37 -1.32
C GLU A 330 17.34 -14.77 -2.56
N SER A 331 16.16 -15.35 -2.37
CA SER A 331 15.40 -15.81 -3.52
C SER A 331 14.35 -14.81 -4.02
N GLY A 332 13.95 -13.86 -3.18
CA GLY A 332 13.09 -12.79 -3.68
C GLY A 332 12.45 -11.96 -2.57
N THR A 333 11.14 -11.74 -2.71
CA THR A 333 10.39 -10.85 -1.84
C THR A 333 9.00 -11.44 -1.67
N VAL A 334 8.50 -11.42 -0.43
CA VAL A 334 7.13 -11.79 -0.13
C VAL A 334 6.57 -10.59 0.64
N ALA A 335 5.46 -10.02 0.18
CA ALA A 335 4.96 -8.84 0.86
C ALA A 335 3.45 -8.90 0.90
N SER A 336 2.85 -8.35 1.95
CA SER A 336 1.42 -8.38 2.06
C SER A 336 0.97 -7.10 2.74
N SER A 337 -0.21 -6.59 2.42
CA SER A 337 -0.74 -5.47 3.15
C SER A 337 -2.24 -5.69 3.27
N SER A 338 -2.80 -5.07 4.29
CA SER A 338 -4.22 -4.88 4.32
C SER A 338 -4.50 -3.47 4.84
N THR A 339 -5.40 -2.80 4.14
CA THR A 339 -5.71 -1.44 4.42
C THR A 339 -7.16 -1.52 4.86
N ALA A 340 -7.52 -0.91 5.98
CA ALA A 340 -8.87 -1.09 6.48
C ALA A 340 -9.31 0.17 7.20
N PHE A 341 -10.59 0.49 7.13
CA PHE A 341 -11.07 1.60 7.92
C PHE A 341 -11.50 1.08 9.27
N VAL A 342 -10.52 0.90 10.13
CA VAL A 342 -10.75 0.47 11.51
C VAL A 342 -9.74 1.19 12.37
N ILE A 343 -9.97 1.12 13.68
CA ILE A 343 -9.14 1.79 14.65
C ILE A 343 -7.87 0.99 14.90
N SER A 344 -6.76 1.70 14.95
CA SER A 344 -5.45 1.12 15.15
C SER A 344 -5.12 1.15 16.64
N ALA A 345 -4.74 0.00 17.19
CA ALA A 345 -4.24 -0.07 18.56
C ALA A 345 -2.76 -0.39 18.46
N ARG A 346 -2.14 0.12 17.41
CA ARG A 346 -0.75 -0.18 17.09
C ARG A 346 0.15 0.46 18.13
N MET A 347 1.18 -0.27 18.53
CA MET A 347 2.22 0.33 19.34
C MET A 347 3.53 0.12 18.58
N ALA A 348 4.44 1.08 18.70
CA ALA A 348 5.68 1.10 17.92
C ALA A 348 6.46 -0.19 18.13
N PRO A 349 7.09 -0.68 17.05
CA PRO A 349 7.86 -1.91 17.12
C PRO A 349 9.31 -1.55 17.34
N THR A 350 10.15 -2.56 17.56
CA THR A 350 11.60 -2.34 17.65
C THR A 350 12.18 -2.21 16.25
N GLU A 351 12.59 -0.99 15.89
CA GLU A 351 13.26 -0.78 14.62
C GLU A 351 14.33 -1.84 14.49
N MET A 352 14.81 -2.03 13.26
CA MET A 352 15.82 -3.02 12.97
C MET A 352 17.10 -2.25 12.66
N VAL A 353 18.19 -2.98 12.47
CA VAL A 353 19.48 -2.34 12.21
C VAL A 353 19.88 -2.39 10.74
N ILE A 354 20.44 -1.29 10.24
CA ILE A 354 20.95 -1.22 8.88
C ILE A 354 22.12 -0.26 8.75
N ASP A 355 23.03 -0.57 7.83
CA ASP A 355 24.22 0.25 7.67
C ASP A 355 23.85 1.63 7.10
N ARG A 356 22.89 1.67 6.18
CA ARG A 356 22.53 2.91 5.47
C ARG A 356 21.04 2.97 5.13
N SER A 357 20.47 4.17 5.11
CA SER A 357 19.07 4.36 4.71
C SER A 357 18.87 4.11 3.22
N PHE A 358 17.72 3.57 2.84
CA PHE A 358 17.38 3.51 1.44
C PHE A 358 15.87 3.44 1.28
N LEU A 359 15.41 3.76 0.09
CA LEU A 359 14.01 3.72 -0.26
C LEU A 359 13.88 2.52 -1.16
N PHE A 360 12.80 1.74 -1.02
CA PHE A 360 12.56 0.66 -1.97
C PHE A 360 11.16 0.81 -2.54
N VAL A 361 11.01 0.41 -3.80
CA VAL A 361 9.74 0.49 -4.50
C VAL A 361 9.50 -0.78 -5.28
N VAL A 362 8.40 -1.48 -4.96
CA VAL A 362 8.07 -2.69 -5.68
C VAL A 362 7.01 -2.31 -6.67
N ARG A 363 7.36 -2.44 -7.95
CA ARG A 363 6.61 -1.78 -8.99
C ARG A 363 6.24 -2.75 -10.09
N HIS A 364 4.97 -2.69 -10.50
CA HIS A 364 4.53 -3.37 -11.70
C HIS A 364 4.74 -2.35 -12.83
N ASN A 365 5.84 -2.52 -13.55
CA ASN A 365 6.32 -1.52 -14.47
C ASN A 365 5.41 -1.17 -15.64
N PRO A 366 4.78 -2.16 -16.29
CA PRO A 366 3.82 -1.89 -17.39
C PRO A 366 2.70 -0.90 -17.00
N THR A 367 2.22 -0.99 -15.77
CA THR A 367 1.12 -0.14 -15.28
C THR A 367 1.59 1.02 -14.38
N GLU A 368 2.87 0.99 -14.02
CA GLU A 368 3.47 1.93 -13.06
C GLU A 368 2.88 1.77 -11.66
N THR A 369 2.21 0.66 -11.43
CA THR A 369 1.56 0.45 -10.16
C THR A 369 2.63 0.16 -9.13
N ILE A 370 2.52 0.81 -7.98
CA ILE A 370 3.44 0.55 -6.90
C ILE A 370 2.68 -0.29 -5.89
N LEU A 371 3.11 -1.55 -5.75
CA LEU A 371 2.46 -2.48 -4.85
C LEU A 371 2.91 -2.24 -3.43
N PHE A 372 4.20 -1.97 -3.27
CA PHE A 372 4.76 -1.71 -1.95
C PHE A 372 5.90 -0.74 -2.12
N MET A 373 6.06 0.17 -1.16
CA MET A 373 7.27 0.98 -1.13
C MET A 373 7.56 1.21 0.32
N GLY A 374 8.79 1.59 0.63
CA GLY A 374 9.11 1.80 2.01
C GLY A 374 10.45 2.45 2.18
N GLN A 375 10.78 2.74 3.42
CA GLN A 375 12.08 3.28 3.74
C GLN A 375 12.66 2.46 4.88
N VAL A 376 13.95 2.18 4.76
CA VAL A 376 14.71 1.57 5.82
C VAL A 376 15.68 2.63 6.24
N MET A 377 15.61 3.01 7.51
CA MET A 377 16.35 4.16 8.01
C MET A 377 17.49 3.74 8.93
N GLU A 378 18.70 4.24 8.64
CA GLU A 378 19.85 3.97 9.49
C GLU A 378 19.61 4.58 10.86
N PRO A 379 19.82 3.79 11.93
CA PRO A 379 19.62 4.26 13.30
C PRO A 379 20.81 5.07 13.79
#